data_5YBT
#
_entry.id   5YBT
#
_cell.length_a   171.569
_cell.length_b   171.569
_cell.length_c   45.605
_cell.angle_alpha   90.00
_cell.angle_beta   90.00
_cell.angle_gamma   120.00
#
_symmetry.space_group_name_H-M   'P 62'
#
loop_
_entity.id
_entity.type
_entity.pdbx_description
1 polymer PrhA
2 non-polymer 'FE (III) ION'
3 non-polymer '2-OXOGLUTARIC ACID'
4 non-polymer 'berkeleyone A'
5 water water
#
_entity_poly.entity_id   1
_entity_poly.type   'polypeptide(L)'
_entity_poly.pdbx_seq_one_letter_code
;MGSSHHHHHHSSGLVPRGSHMPPRLQRFPATASADEIFAAFQEDGCVVIEGFISPEQVARFSQEVDPAMEKIPVEVTNNG
NSNDRTKRFSKCVIASPTFRNEIIESDLMHELCDRVFSKPGEGMGYHFNDNMVIEVQPGAPAQRLHRDQELYPWWNSMGP
AGPECLINFFCAVTPFTEENGATRLVPGSHLWPEFTQINERDCPQFGKIETVPAIMQPGDCYLMSGKVIHGAGHNATTTD
RRRALALSIIRRELRPVQAFSLSVPMKLAREMSERSQTMFGFRSSVQHCDVDMVHFWGNDGKDIAHHLGLISSA
;
_entity_poly.pdbx_strand_id   A,B
#
loop_
_chem_comp.id
_chem_comp.type
_chem_comp.name
_chem_comp.formula
8TC non-polymer 'berkeleyone A' 'C26 H38 O6'
AKG non-polymer '2-OXOGLUTARIC ACID' 'C5 H6 O5'
FE non-polymer 'FE (III) ION' 'Fe 3'
#
# COMPACT_ATOMS: atom_id res chain seq x y z
N LEU A 14 -24.48 -24.16 -28.31
CA LEU A 14 -24.91 -22.77 -28.29
C LEU A 14 -26.42 -22.69 -28.10
N VAL A 15 -26.97 -21.51 -28.37
CA VAL A 15 -28.39 -21.23 -28.20
C VAL A 15 -29.08 -21.24 -29.57
N PRO A 16 -30.42 -21.33 -29.65
CA PRO A 16 -31.20 -21.11 -30.88
C PRO A 16 -31.09 -19.69 -31.45
N GLY A 18 -32.09 -16.88 -32.99
CA GLY A 18 -32.12 -15.49 -32.56
C GLY A 18 -32.17 -15.30 -31.06
N SER A 19 -31.71 -16.31 -30.32
CA SER A 19 -31.52 -16.15 -28.89
C SER A 19 -30.42 -15.13 -28.63
N HIS A 20 -30.68 -14.24 -27.68
CA HIS A 20 -29.64 -13.32 -27.23
C HIS A 20 -28.43 -14.11 -26.78
N MET A 21 -27.25 -13.76 -27.33
CA MET A 21 -26.01 -14.47 -26.99
C MET A 21 -25.31 -13.74 -25.84
N PRO A 22 -24.95 -14.45 -24.77
CA PRO A 22 -24.34 -13.81 -23.60
C PRO A 22 -22.88 -13.52 -23.83
N PRO A 23 -22.26 -12.67 -23.01
CA PRO A 23 -20.82 -12.39 -23.15
C PRO A 23 -19.98 -13.66 -23.03
N ARG A 24 -18.88 -13.68 -23.79
CA ARG A 24 -17.99 -14.84 -23.82
C ARG A 24 -16.91 -14.67 -22.77
N LEU A 25 -16.81 -15.62 -21.88
CA LEU A 25 -15.66 -15.76 -21.00
C LEU A 25 -14.67 -16.68 -21.70
N GLN A 26 -13.50 -16.15 -22.06
CA GLN A 26 -12.55 -16.98 -22.80
C GLN A 26 -11.93 -18.01 -21.87
N ARG A 27 -11.62 -19.17 -22.44
CA ARG A 27 -11.07 -20.29 -21.69
C ARG A 27 -9.83 -20.81 -22.39
N PHE A 28 -8.75 -21.00 -21.63
CA PHE A 28 -7.49 -21.54 -22.10
C PHE A 28 -7.07 -22.65 -21.15
N PRO A 29 -6.44 -23.71 -21.67
CA PRO A 29 -5.79 -24.67 -20.77
C PRO A 29 -4.53 -24.07 -20.19
N ALA A 30 -4.14 -24.56 -19.02
CA ALA A 30 -2.95 -24.03 -18.35
C ALA A 30 -1.66 -24.30 -19.13
N THR A 31 -1.71 -25.03 -20.24
CA THR A 31 -0.57 -25.23 -21.12
C THR A 31 -0.48 -24.21 -22.25
N ALA A 32 -1.47 -23.32 -22.36
CA ALA A 32 -1.38 -22.20 -23.27
C ALA A 32 -0.25 -21.25 -22.85
N SER A 33 0.24 -20.49 -23.82
CA SER A 33 1.33 -19.57 -23.56
C SER A 33 0.81 -18.41 -22.72
N ALA A 34 1.62 -17.98 -21.74
CA ALA A 34 1.21 -16.86 -20.90
C ALA A 34 0.92 -15.62 -21.73
N ASP A 35 1.47 -15.52 -22.94
CA ASP A 35 1.14 -14.37 -23.77
C ASP A 35 -0.27 -14.47 -24.32
N GLU A 36 -0.74 -15.68 -24.64
CA GLU A 36 -2.09 -15.85 -25.15
C GLU A 36 -3.12 -15.61 -24.07
N ILE A 37 -2.83 -16.00 -22.84
CA ILE A 37 -3.75 -15.76 -21.73
C ILE A 37 -3.74 -14.29 -21.33
N PHE A 38 -2.58 -13.63 -21.41
CA PHE A 38 -2.52 -12.23 -21.04
C PHE A 38 -3.24 -11.36 -22.07
N ALA A 39 -3.21 -11.76 -23.34
CA ALA A 39 -3.94 -11.02 -24.36
C ALA A 39 -5.44 -11.08 -24.12
N ALA A 40 -5.95 -12.26 -23.75
CA ALA A 40 -7.36 -12.40 -23.39
C ALA A 40 -7.71 -11.53 -22.19
N PHE A 41 -6.93 -11.68 -21.11
CA PHE A 41 -7.09 -10.87 -19.91
C PHE A 41 -7.10 -9.36 -20.20
N GLN A 42 -6.21 -8.88 -21.08
CA GLN A 42 -6.23 -7.45 -21.40
C GLN A 42 -7.50 -7.07 -22.13
N GLU A 43 -7.94 -7.90 -23.08
CA GLU A 43 -9.15 -7.60 -23.83
C GLU A 43 -10.37 -7.61 -22.92
N ASP A 44 -10.56 -8.68 -22.16
CA ASP A 44 -11.78 -8.89 -21.42
C ASP A 44 -11.71 -8.51 -19.95
N GLY A 45 -10.52 -8.41 -19.37
CA GLY A 45 -10.38 -8.21 -17.95
C GLY A 45 -10.47 -9.49 -17.14
N CYS A 46 -10.79 -10.60 -17.79
CA CYS A 46 -10.94 -11.87 -17.10
C CYS A 46 -10.75 -12.98 -18.13
N VAL A 47 -10.35 -14.15 -17.64
CA VAL A 47 -10.08 -15.28 -18.53
C VAL A 47 -10.05 -16.51 -17.64
N VAL A 48 -10.48 -17.64 -18.19
CA VAL A 48 -10.46 -18.93 -17.48
C VAL A 48 -9.19 -19.67 -17.85
N ILE A 49 -8.49 -20.16 -16.84
CA ILE A 49 -7.33 -21.02 -17.00
C ILE A 49 -7.77 -22.40 -16.53
N GLU A 50 -8.08 -23.28 -17.48
CA GLU A 50 -8.44 -24.64 -17.13
C GLU A 50 -7.20 -25.39 -16.69
N GLY A 51 -7.34 -26.18 -15.63
CA GLY A 51 -6.20 -26.89 -15.10
C GLY A 51 -5.11 -26.01 -14.54
N PHE A 52 -5.46 -24.83 -14.03
CA PHE A 52 -4.49 -24.00 -13.30
C PHE A 52 -3.85 -24.78 -12.17
N ILE A 53 -4.60 -25.69 -11.56
CA ILE A 53 -4.10 -26.59 -10.53
C ILE A 53 -4.56 -27.98 -10.90
N SER A 54 -3.73 -28.98 -10.66
CA SER A 54 -4.12 -30.33 -10.98
C SER A 54 -5.27 -30.80 -10.09
N PRO A 55 -6.07 -31.75 -10.56
CA PRO A 55 -7.11 -32.33 -9.69
C PRO A 55 -6.53 -32.95 -8.44
N GLU A 56 -5.36 -33.58 -8.56
CA GLU A 56 -4.72 -34.15 -7.38
C GLU A 56 -4.27 -33.06 -6.42
N GLN A 57 -3.75 -31.95 -6.93
CA GLN A 57 -3.36 -30.86 -6.05
C GLN A 57 -4.59 -30.22 -5.40
N VAL A 58 -5.63 -29.95 -6.18
CA VAL A 58 -6.83 -29.35 -5.61
C VAL A 58 -7.37 -30.22 -4.49
N ALA A 59 -7.39 -31.54 -4.69
CA ALA A 59 -8.04 -32.41 -3.73
C ALA A 59 -7.25 -32.51 -2.44
N ARG A 60 -5.92 -32.51 -2.52
CA ARG A 60 -5.11 -32.43 -1.31
C ARG A 60 -5.28 -31.08 -0.60
N PHE A 61 -5.29 -29.99 -1.36
CA PHE A 61 -5.54 -28.70 -0.73
C PHE A 61 -6.85 -28.71 0.04
N SER A 62 -7.93 -29.11 -0.64
CA SER A 62 -9.26 -29.08 -0.02
C SER A 62 -9.28 -29.90 1.26
N GLN A 63 -8.61 -31.05 1.25
CA GLN A 63 -8.61 -31.90 2.43
C GLN A 63 -7.75 -31.31 3.54
N GLU A 64 -6.72 -30.55 3.17
CA GLU A 64 -5.80 -30.04 4.16
C GLU A 64 -6.38 -28.83 4.90
N VAL A 65 -7.22 -28.05 4.24
CA VAL A 65 -7.87 -26.91 4.89
C VAL A 65 -9.20 -27.31 5.51
N ASP A 66 -9.74 -28.46 5.15
CA ASP A 66 -11.08 -28.84 5.56
C ASP A 66 -11.32 -28.89 7.06
N PRO A 67 -10.37 -29.33 7.91
CA PRO A 67 -10.62 -29.17 9.35
C PRO A 67 -10.84 -27.73 9.73
N ALA A 68 -10.03 -26.83 9.19
CA ALA A 68 -10.19 -25.42 9.49
C ALA A 68 -11.51 -24.89 8.98
N MET A 69 -11.99 -25.42 7.86
CA MET A 69 -13.26 -24.99 7.33
C MET A 69 -14.43 -25.48 8.19
N GLU A 70 -14.33 -26.71 8.72
CA GLU A 70 -15.42 -27.23 9.54
C GLU A 70 -15.56 -26.43 10.84
N LYS A 71 -14.47 -25.88 11.38
CA LYS A 71 -14.54 -25.17 12.65
C LYS A 71 -15.08 -23.75 12.51
N ILE A 72 -15.39 -23.29 11.29
CA ILE A 72 -15.79 -21.90 11.05
C ILE A 72 -17.30 -21.84 11.13
N PRO A 73 -17.88 -21.14 12.09
CA PRO A 73 -19.34 -21.03 12.16
C PRO A 73 -19.90 -20.25 10.96
N VAL A 74 -20.98 -20.77 10.40
CA VAL A 74 -21.68 -20.04 9.36
C VAL A 74 -22.47 -18.90 10.00
N GLU A 75 -22.33 -17.70 9.44
CA GLU A 75 -23.10 -16.56 9.90
C GLU A 75 -24.39 -16.52 9.11
N VAL A 76 -25.52 -16.42 9.82
CA VAL A 76 -26.84 -16.28 9.23
C VAL A 76 -27.47 -15.03 9.82
N THR A 77 -28.07 -14.21 8.96
CA THR A 77 -28.58 -12.90 9.38
C THR A 77 -29.95 -12.60 8.77
N ASN A 81 -24.77 -8.37 3.37
CA ASN A 81 -23.40 -8.54 3.86
C ASN A 81 -22.67 -9.73 3.21
N SER A 82 -21.49 -9.46 2.62
CA SER A 82 -20.74 -10.46 1.86
C SER A 82 -20.16 -11.59 2.72
N ASN A 83 -20.40 -11.62 4.03
CA ASN A 83 -20.05 -12.79 4.82
C ASN A 83 -21.28 -13.61 5.18
N ASP A 84 -22.44 -13.33 4.58
CA ASP A 84 -23.69 -14.01 4.91
C ASP A 84 -23.71 -15.40 4.29
N ARG A 85 -23.67 -16.42 5.14
CA ARG A 85 -23.64 -17.82 4.69
C ARG A 85 -22.50 -18.07 3.70
N THR A 86 -21.35 -17.46 3.99
CA THR A 86 -20.13 -17.69 3.22
C THR A 86 -18.96 -17.79 4.20
N LYS A 87 -18.25 -18.89 4.16
CA LYS A 87 -17.04 -19.04 4.97
C LYS A 87 -15.84 -18.44 4.24
N ARG A 88 -14.98 -17.79 5.01
CA ARG A 88 -13.78 -17.14 4.46
C ARG A 88 -12.62 -17.50 5.38
N PHE A 89 -11.66 -18.26 4.84
CA PHE A 89 -10.51 -18.75 5.59
C PHE A 89 -9.22 -18.38 4.87
N SER A 90 -8.23 -17.88 5.61
CA SER A 90 -7.03 -17.31 5.00
C SER A 90 -5.70 -17.91 5.46
N LYS A 91 -5.68 -18.81 6.45
CA LYS A 91 -4.39 -19.36 6.89
C LYS A 91 -4.03 -20.56 6.04
N CYS A 92 -4.15 -20.41 4.72
CA CYS A 92 -3.84 -21.50 3.79
C CYS A 92 -2.39 -21.96 3.92
N VAL A 93 -1.46 -21.02 4.12
CA VAL A 93 -0.05 -21.39 4.18
C VAL A 93 0.21 -22.27 5.39
N ILE A 94 -0.44 -21.97 6.50
CA ILE A 94 -0.26 -22.72 7.73
C ILE A 94 -0.92 -24.10 7.62
N ALA A 95 -2.13 -24.16 7.09
CA ALA A 95 -2.88 -25.40 7.11
C ALA A 95 -2.52 -26.35 5.96
N SER A 96 -1.82 -25.90 4.93
CA SER A 96 -1.75 -26.77 3.77
C SER A 96 -0.37 -26.83 3.14
N PRO A 97 0.32 -27.97 3.21
CA PRO A 97 1.58 -28.11 2.48
C PRO A 97 1.42 -28.00 0.97
N THR A 98 0.37 -28.59 0.40
CA THR A 98 0.16 -28.45 -1.04
C THR A 98 0.11 -26.97 -1.43
N PHE A 99 -0.54 -26.15 -0.60
CA PHE A 99 -0.64 -24.73 -0.92
C PHE A 99 0.73 -24.08 -0.96
N ARG A 100 1.44 -24.13 0.16
CA ARG A 100 2.71 -23.41 0.25
C ARG A 100 3.81 -24.06 -0.57
N ASN A 101 3.79 -25.39 -0.73
CA ASN A 101 4.86 -26.03 -1.48
C ASN A 101 4.64 -26.03 -2.99
N GLU A 102 3.39 -25.99 -3.46
CA GLU A 102 3.22 -26.12 -4.90
C GLU A 102 2.23 -25.15 -5.50
N ILE A 103 1.08 -24.89 -4.87
CA ILE A 103 0.15 -23.94 -5.48
C ILE A 103 0.79 -22.56 -5.58
N ILE A 104 1.48 -22.15 -4.53
CA ILE A 104 2.20 -20.86 -4.53
C ILE A 104 3.27 -20.82 -5.61
N GLU A 105 3.81 -21.98 -5.99
CA GLU A 105 4.94 -22.05 -6.91
C GLU A 105 4.51 -22.21 -8.36
N SER A 106 3.33 -21.72 -8.70
CA SER A 106 2.85 -21.77 -10.08
C SER A 106 3.61 -20.75 -10.92
N ASP A 107 4.41 -21.26 -11.87
CA ASP A 107 5.20 -20.37 -12.72
C ASP A 107 4.33 -19.56 -13.67
N LEU A 108 3.24 -20.17 -14.17
CA LEU A 108 2.31 -19.44 -15.02
C LEU A 108 1.68 -18.29 -14.26
N MET A 109 1.44 -18.47 -12.95
CA MET A 109 0.92 -17.40 -12.12
C MET A 109 1.90 -16.24 -12.07
N HIS A 110 3.19 -16.54 -11.97
CA HIS A 110 4.20 -15.50 -11.89
C HIS A 110 4.51 -14.88 -13.25
N GLU A 111 4.49 -15.68 -14.31
CA GLU A 111 4.55 -15.12 -15.65
C GLU A 111 3.51 -14.02 -15.81
N LEU A 112 2.24 -14.36 -15.56
CA LEU A 112 1.14 -13.43 -15.74
C LEU A 112 1.24 -12.23 -14.80
N CYS A 113 1.65 -12.47 -13.55
CA CYS A 113 1.81 -11.38 -12.60
C CYS A 113 2.86 -10.37 -13.05
N ASP A 114 3.97 -10.85 -13.62
CA ASP A 114 5.01 -9.94 -14.08
C ASP A 114 4.51 -9.11 -15.26
N ARG A 115 3.88 -9.75 -16.25
CA ARG A 115 3.27 -9.05 -17.36
C ARG A 115 2.32 -7.95 -16.91
N VAL A 116 1.68 -8.12 -15.77
CA VAL A 116 0.80 -7.08 -15.22
C VAL A 116 1.58 -6.05 -14.42
N PHE A 117 2.43 -6.49 -13.48
CA PHE A 117 2.88 -5.64 -12.39
C PHE A 117 4.34 -5.21 -12.43
N SER A 118 5.25 -6.03 -12.99
CA SER A 118 6.67 -5.80 -12.82
C SER A 118 7.21 -4.85 -13.89
N LYS A 119 7.94 -3.83 -13.45
CA LYS A 119 8.56 -2.83 -14.30
C LYS A 119 9.96 -3.26 -14.69
N PRO A 120 10.58 -2.61 -15.68
CA PRO A 120 11.91 -3.06 -16.14
C PRO A 120 12.97 -2.74 -15.11
N GLY A 121 13.72 -3.78 -14.72
CA GLY A 121 14.86 -3.60 -13.83
C GLY A 121 14.56 -3.36 -12.37
N GLU A 122 13.39 -3.82 -11.87
CA GLU A 122 12.99 -3.57 -10.49
C GLU A 122 12.64 -4.83 -9.71
N GLY A 123 12.73 -6.00 -10.32
CA GLY A 123 12.27 -7.15 -9.57
C GLY A 123 10.75 -7.13 -9.46
N MET A 124 10.25 -7.98 -8.55
CA MET A 124 8.82 -8.27 -8.49
C MET A 124 8.04 -7.02 -8.10
N GLY A 125 7.10 -6.62 -8.93
CA GLY A 125 6.27 -5.49 -8.60
C GLY A 125 4.95 -5.89 -7.98
N TYR A 126 4.86 -7.09 -7.41
CA TYR A 126 3.61 -7.57 -6.85
C TYR A 126 3.91 -8.39 -5.59
N HIS A 127 2.90 -8.54 -4.74
CA HIS A 127 2.93 -9.48 -3.64
C HIS A 127 1.50 -9.90 -3.32
N PHE A 128 1.35 -10.79 -2.34
CA PHE A 128 0.04 -11.28 -1.92
C PHE A 128 -0.74 -10.25 -1.11
N ASN A 129 -1.98 -10.00 -1.53
CA ASN A 129 -2.95 -9.30 -0.70
C ASN A 129 -3.62 -10.27 0.28
N ASP A 130 -4.08 -11.42 -0.22
CA ASP A 130 -4.80 -12.40 0.59
C ASP A 130 -4.61 -13.78 -0.04
N ASN A 131 -4.85 -14.83 0.75
CA ASN A 131 -5.02 -16.21 0.26
C ASN A 131 -6.29 -16.74 0.90
N MET A 132 -7.45 -16.56 0.25
CA MET A 132 -8.70 -16.79 0.95
C MET A 132 -9.45 -17.99 0.38
N VAL A 133 -9.73 -18.97 1.23
CA VAL A 133 -10.73 -19.97 0.88
C VAL A 133 -12.11 -19.37 1.12
N ILE A 134 -12.98 -19.43 0.10
CA ILE A 134 -14.31 -18.84 0.13
C ILE A 134 -15.30 -19.95 -0.21
N GLU A 135 -16.05 -20.41 0.78
CA GLU A 135 -17.00 -21.51 0.62
C GLU A 135 -18.43 -20.99 0.73
N VAL A 136 -19.07 -20.76 -0.41
CA VAL A 136 -20.45 -20.26 -0.44
C VAL A 136 -21.40 -21.39 -0.07
N GLN A 137 -22.14 -21.22 1.03
CA GLN A 137 -23.03 -22.24 1.57
C GLN A 137 -24.34 -22.37 0.76
N PRO A 138 -25.07 -23.48 0.94
CA PRO A 138 -26.41 -23.59 0.37
C PRO A 138 -27.31 -22.44 0.76
N GLY A 139 -28.01 -21.89 -0.25
CA GLY A 139 -28.93 -20.81 -0.01
C GLY A 139 -28.31 -19.45 0.16
N ALA A 140 -26.98 -19.36 0.28
CA ALA A 140 -26.31 -18.08 0.43
C ALA A 140 -26.79 -17.10 -0.66
N PRO A 141 -27.24 -15.92 -0.29
CA PRO A 141 -27.66 -14.94 -1.29
C PRO A 141 -26.49 -14.42 -2.11
N ALA A 142 -26.83 -13.84 -3.27
CA ALA A 142 -25.81 -13.29 -4.16
C ALA A 142 -25.08 -12.12 -3.50
N GLN A 143 -23.82 -11.95 -3.88
CA GLN A 143 -23.03 -10.83 -3.40
C GLN A 143 -23.30 -9.62 -4.27
N ARG A 144 -23.21 -8.43 -3.68
CA ARG A 144 -23.35 -7.21 -4.47
C ARG A 144 -22.38 -7.19 -5.65
N LEU A 145 -22.79 -6.60 -6.76
CA LEU A 145 -21.81 -6.29 -7.78
C LEU A 145 -20.76 -5.33 -7.24
N HIS A 146 -19.50 -5.59 -7.57
CA HIS A 146 -18.40 -4.79 -7.08
C HIS A 146 -17.17 -5.03 -7.96
N ARG A 147 -16.29 -4.05 -7.96
CA ARG A 147 -14.91 -4.24 -8.43
C ARG A 147 -14.02 -4.45 -7.22
N ASP A 148 -13.04 -5.36 -7.36
CA ASP A 148 -12.16 -5.64 -6.23
C ASP A 148 -11.22 -4.47 -5.90
N GLN A 149 -10.96 -3.58 -6.85
CA GLN A 149 -10.16 -2.41 -6.53
C GLN A 149 -10.91 -1.37 -5.69
N GLU A 150 -12.18 -1.60 -5.37
CA GLU A 150 -12.86 -0.75 -4.40
C GLU A 150 -12.20 -0.87 -3.04
N LEU A 151 -11.40 -1.92 -2.84
CA LEU A 151 -10.58 -2.04 -1.64
C LEU A 151 -9.61 -0.86 -1.49
N TYR A 152 -9.18 -0.27 -2.60
CA TYR A 152 -8.31 0.90 -2.63
C TYR A 152 -9.18 2.01 -3.18
N PRO A 153 -9.84 2.76 -2.31
CA PRO A 153 -11.02 3.53 -2.72
C PRO A 153 -10.73 4.57 -3.79
N TRP A 154 -9.52 5.12 -3.83
CA TRP A 154 -9.21 6.13 -4.84
C TRP A 154 -9.10 5.55 -6.24
N TRP A 155 -9.07 4.22 -6.38
CA TRP A 155 -8.60 3.66 -7.66
C TRP A 155 -9.60 3.87 -8.79
N ASN A 156 -10.91 3.75 -8.51
CA ASN A 156 -11.91 3.97 -9.55
C ASN A 156 -11.79 5.34 -10.19
N SER A 157 -11.29 6.32 -9.44
CA SER A 157 -11.20 7.69 -9.95
C SER A 157 -10.22 7.81 -11.11
N MET A 158 -9.29 6.88 -11.27
CA MET A 158 -8.38 6.88 -12.41
C MET A 158 -9.00 6.28 -13.65
N GLY A 159 -10.14 5.62 -13.51
CA GLY A 159 -10.84 5.08 -14.64
C GLY A 159 -10.09 3.95 -15.31
N PRO A 160 -10.49 3.63 -16.55
CA PRO A 160 -9.87 2.50 -17.26
C PRO A 160 -8.43 2.75 -17.68
N ALA A 161 -7.98 4.00 -17.73
CA ALA A 161 -6.59 4.29 -18.03
C ALA A 161 -5.69 4.05 -16.84
N GLY A 162 -6.26 3.92 -15.65
CA GLY A 162 -5.48 3.67 -14.46
C GLY A 162 -4.65 2.40 -14.60
N PRO A 163 -3.54 2.36 -13.90
CA PRO A 163 -2.78 1.11 -13.83
C PRO A 163 -3.52 0.05 -13.03
N GLU A 164 -3.10 -1.19 -13.20
CA GLU A 164 -3.65 -2.27 -12.39
C GLU A 164 -3.19 -2.13 -10.95
N CYS A 165 -4.10 -2.32 -9.99
CA CYS A 165 -3.71 -2.42 -8.59
C CYS A 165 -3.78 -3.82 -8.02
N LEU A 166 -4.61 -4.70 -8.58
CA LEU A 166 -5.01 -5.94 -7.94
C LEU A 166 -5.47 -6.91 -9.03
N ILE A 167 -5.05 -8.17 -8.94
CA ILE A 167 -5.64 -9.21 -9.77
C ILE A 167 -5.95 -10.42 -8.89
N ASN A 168 -6.88 -11.25 -9.36
CA ASN A 168 -7.37 -12.41 -8.62
C ASN A 168 -7.16 -13.64 -9.49
N PHE A 169 -6.45 -14.63 -8.97
CA PHE A 169 -6.52 -16.00 -9.51
C PHE A 169 -7.55 -16.73 -8.68
N PHE A 170 -8.76 -16.83 -9.18
CA PHE A 170 -9.89 -17.33 -8.41
C PHE A 170 -10.12 -18.77 -8.85
N CYS A 171 -9.74 -19.70 -8.00
CA CYS A 171 -9.71 -21.11 -8.36
C CYS A 171 -10.93 -21.85 -7.84
N ALA A 172 -11.52 -22.68 -8.69
CA ALA A 172 -12.52 -23.63 -8.22
C ALA A 172 -11.86 -24.75 -7.42
N VAL A 173 -12.22 -24.86 -6.15
CA VAL A 173 -11.80 -26.02 -5.36
C VAL A 173 -12.79 -27.17 -5.50
N THR A 174 -14.09 -26.87 -5.40
CA THR A 174 -15.18 -27.73 -5.80
C THR A 174 -15.86 -27.12 -7.02
N PRO A 175 -16.65 -27.89 -7.77
CA PRO A 175 -17.15 -27.39 -9.07
C PRO A 175 -17.94 -26.11 -8.93
N PHE A 176 -17.79 -25.26 -9.94
CA PHE A 176 -18.51 -24.01 -10.05
C PHE A 176 -19.64 -24.21 -11.04
N THR A 177 -20.88 -24.00 -10.61
CA THR A 177 -22.03 -24.10 -11.48
C THR A 177 -22.88 -22.86 -11.29
N GLU A 178 -23.77 -22.64 -12.24
CA GLU A 178 -24.70 -21.54 -12.13
C GLU A 178 -25.64 -21.71 -10.95
N GLU A 179 -26.01 -22.95 -10.63
CA GLU A 179 -26.97 -23.19 -9.56
C GLU A 179 -26.36 -22.90 -8.21
N ASN A 180 -25.13 -23.36 -7.96
CA ASN A 180 -24.50 -23.27 -6.64
C ASN A 180 -23.74 -21.98 -6.40
N GLY A 181 -23.66 -21.08 -7.37
CA GLY A 181 -23.19 -19.75 -7.07
C GLY A 181 -21.84 -19.36 -7.66
N ALA A 182 -21.46 -19.97 -8.79
CA ALA A 182 -20.30 -19.51 -9.53
C ALA A 182 -20.32 -18.00 -9.67
N THR A 183 -19.14 -17.39 -9.65
CA THR A 183 -19.04 -15.93 -9.69
C THR A 183 -19.68 -15.35 -10.95
N ARG A 184 -20.47 -14.30 -10.77
CA ARG A 184 -20.99 -13.56 -11.90
C ARG A 184 -19.97 -12.51 -12.29
N LEU A 185 -19.65 -12.43 -13.58
CA LEU A 185 -18.58 -11.58 -14.08
C LEU A 185 -19.13 -10.68 -15.18
N VAL A 186 -18.52 -9.51 -15.36
CA VAL A 186 -18.94 -8.63 -16.44
C VAL A 186 -17.74 -8.32 -17.32
N PRO A 187 -17.47 -9.14 -18.33
CA PRO A 187 -16.29 -8.95 -19.19
C PRO A 187 -16.29 -7.59 -19.86
N GLY A 188 -15.12 -6.98 -19.94
CA GLY A 188 -15.03 -5.66 -20.54
C GLY A 188 -15.59 -4.55 -19.69
N SER A 189 -15.95 -4.80 -18.44
CA SER A 189 -16.35 -3.69 -17.57
C SER A 189 -15.16 -2.96 -16.99
N HIS A 190 -13.94 -3.44 -17.26
CA HIS A 190 -12.70 -2.77 -16.99
C HIS A 190 -12.41 -1.67 -18.00
N LEU A 191 -13.27 -1.50 -19.01
CA LEU A 191 -13.09 -0.54 -20.09
C LEU A 191 -14.16 0.55 -20.12
N TRP A 192 -15.16 0.52 -19.23
CA TRP A 192 -16.17 1.55 -19.21
C TRP A 192 -15.51 2.90 -18.90
N PRO A 193 -16.01 3.99 -19.47
CA PRO A 193 -15.34 5.29 -19.27
C PRO A 193 -15.30 5.73 -17.82
N GLU A 194 -16.34 5.45 -17.05
CA GLU A 194 -16.40 5.90 -15.66
C GLU A 194 -16.53 4.68 -14.77
N PHE A 195 -15.62 4.55 -13.82
CA PHE A 195 -15.69 3.49 -12.83
C PHE A 195 -16.42 4.04 -11.62
N THR A 196 -17.55 3.43 -11.31
CA THR A 196 -18.39 3.91 -10.24
C THR A 196 -18.68 2.76 -9.29
N GLN A 197 -19.12 3.09 -8.09
CA GLN A 197 -19.69 2.04 -7.28
C GLN A 197 -21.04 1.63 -7.84
N ILE A 198 -21.38 0.35 -7.67
CA ILE A 198 -22.53 -0.25 -8.36
C ILE A 198 -23.71 -0.17 -7.42
N ASN A 199 -24.33 1.02 -7.36
CA ASN A 199 -25.57 1.25 -6.63
C ASN A 199 -26.48 2.12 -7.49
N GLU A 200 -27.69 2.35 -7.00
CA GLU A 200 -28.66 3.10 -7.81
C GLU A 200 -28.29 4.57 -7.87
N ARG A 201 -27.69 5.11 -6.80
CA ARG A 201 -27.34 6.52 -6.77
C ARG A 201 -26.26 6.84 -7.79
N ASP A 202 -25.17 6.06 -7.80
CA ASP A 202 -24.01 6.38 -8.62
C ASP A 202 -23.94 5.62 -9.93
N CYS A 203 -24.55 4.43 -10.05
CA CYS A 203 -24.35 3.62 -11.24
C CYS A 203 -25.52 3.78 -12.18
N PRO A 204 -25.36 4.43 -13.33
CA PRO A 204 -26.51 4.64 -14.21
C PRO A 204 -27.04 3.35 -14.81
N GLN A 205 -26.18 2.35 -14.98
CA GLN A 205 -26.61 1.09 -15.55
C GLN A 205 -27.26 0.20 -14.53
N PHE A 206 -27.44 0.67 -13.29
CA PHE A 206 -27.93 -0.19 -12.22
C PHE A 206 -29.17 -0.96 -12.66
N GLY A 207 -29.23 -2.24 -12.31
CA GLY A 207 -30.26 -3.14 -12.75
C GLY A 207 -30.13 -3.64 -14.18
N LYS A 208 -29.35 -2.97 -15.02
CA LYS A 208 -29.31 -3.28 -16.44
C LYS A 208 -28.02 -4.01 -16.84
N ILE A 209 -27.34 -4.65 -15.89
CA ILE A 209 -25.99 -5.15 -16.12
C ILE A 209 -26.05 -6.65 -16.32
N GLU A 210 -25.59 -7.11 -17.47
CA GLU A 210 -25.59 -8.54 -17.78
C GLU A 210 -24.29 -9.16 -17.32
N THR A 211 -24.39 -10.12 -16.41
CA THR A 211 -23.25 -10.88 -15.92
C THR A 211 -23.26 -12.28 -16.57
N VAL A 212 -22.14 -13.00 -16.43
CA VAL A 212 -22.01 -14.38 -16.90
C VAL A 212 -21.29 -15.18 -15.81
N PRO A 213 -21.63 -16.44 -15.60
CA PRO A 213 -20.99 -17.21 -14.53
C PRO A 213 -19.68 -17.83 -14.97
N ALA A 214 -18.78 -17.99 -14.00
CA ALA A 214 -17.51 -18.68 -14.23
C ALA A 214 -17.75 -20.16 -13.97
N ILE A 215 -18.18 -20.87 -15.02
CA ILE A 215 -18.37 -22.31 -14.93
C ILE A 215 -16.99 -22.97 -14.95
N MET A 216 -16.63 -23.64 -13.87
CA MET A 216 -15.31 -24.21 -13.72
C MET A 216 -15.36 -25.56 -13.02
N GLN A 217 -14.48 -26.42 -13.43
CA GLN A 217 -14.16 -27.67 -12.78
C GLN A 217 -13.09 -27.45 -11.72
N PRO A 218 -12.96 -28.37 -10.76
CA PRO A 218 -11.94 -28.20 -9.72
C PRO A 218 -10.54 -28.09 -10.29
N GLY A 219 -9.77 -27.11 -9.80
CA GLY A 219 -8.46 -26.81 -10.30
C GLY A 219 -8.47 -25.75 -11.38
N ASP A 220 -9.57 -25.59 -12.11
CA ASP A 220 -9.67 -24.44 -13.00
C ASP A 220 -9.58 -23.16 -12.18
N CYS A 221 -9.32 -22.06 -12.87
CA CYS A 221 -9.40 -20.78 -12.21
C CYS A 221 -9.68 -19.74 -13.27
N TYR A 222 -10.15 -18.58 -12.83
CA TYR A 222 -10.13 -17.42 -13.69
C TYR A 222 -9.18 -16.39 -13.11
N LEU A 223 -8.48 -15.70 -14.00
CA LEU A 223 -7.67 -14.55 -13.64
C LEU A 223 -8.50 -13.29 -13.91
N MET A 224 -8.61 -12.41 -12.93
CA MET A 224 -9.52 -11.29 -13.07
C MET A 224 -8.91 -10.00 -12.54
N SER A 225 -9.14 -8.91 -13.27
CA SER A 225 -8.58 -7.62 -12.91
C SER A 225 -9.33 -6.99 -11.75
N GLY A 226 -8.64 -6.15 -11.00
CA GLY A 226 -9.33 -5.36 -10.02
C GLY A 226 -10.40 -4.47 -10.61
N LYS A 227 -10.45 -4.33 -11.93
CA LYS A 227 -11.32 -3.39 -12.60
C LYS A 227 -12.63 -4.00 -13.12
N VAL A 228 -12.80 -5.32 -13.02
CA VAL A 228 -13.97 -6.02 -13.56
C VAL A 228 -15.06 -6.08 -12.51
N ILE A 229 -16.29 -5.74 -12.92
CA ILE A 229 -17.46 -5.88 -12.05
C ILE A 229 -17.82 -7.34 -11.90
N HIS A 230 -18.18 -7.74 -10.68
CA HIS A 230 -18.46 -9.13 -10.41
C HIS A 230 -19.15 -9.26 -9.06
N GLY A 231 -19.73 -10.42 -8.82
CA GLY A 231 -20.19 -10.81 -7.50
C GLY A 231 -20.39 -12.30 -7.45
N ALA A 232 -20.24 -12.87 -6.26
CA ALA A 232 -20.60 -14.27 -6.04
C ALA A 232 -22.08 -14.48 -6.38
N GLY A 233 -22.37 -15.55 -7.11
CA GLY A 233 -23.75 -15.84 -7.43
C GLY A 233 -24.52 -16.36 -6.22
N HIS A 234 -25.84 -16.38 -6.38
CA HIS A 234 -26.71 -17.00 -5.38
C HIS A 234 -26.54 -18.52 -5.41
N ASN A 235 -26.42 -19.14 -4.23
CA ASN A 235 -26.31 -20.60 -4.18
C ASN A 235 -27.72 -21.18 -4.01
N ALA A 236 -28.34 -21.54 -5.13
CA ALA A 236 -29.71 -22.04 -5.15
C ALA A 236 -29.82 -23.56 -4.99
N THR A 237 -28.80 -24.21 -4.43
CA THR A 237 -28.87 -25.63 -4.12
C THR A 237 -29.10 -25.83 -2.63
N THR A 238 -29.38 -27.08 -2.27
CA THR A 238 -29.48 -27.44 -0.87
C THR A 238 -28.28 -28.23 -0.38
N THR A 239 -27.46 -28.75 -1.30
CA THR A 239 -26.35 -29.60 -0.91
C THR A 239 -24.96 -29.02 -1.19
N ASP A 240 -24.78 -28.20 -2.22
CA ASP A 240 -23.43 -27.85 -2.66
C ASP A 240 -22.88 -26.72 -1.80
N ARG A 241 -21.83 -27.03 -1.03
CA ARG A 241 -20.98 -26.02 -0.41
C ARG A 241 -19.88 -25.69 -1.42
N ARG A 242 -19.98 -24.50 -2.04
CA ARG A 242 -19.19 -24.13 -3.22
C ARG A 242 -17.90 -23.44 -2.81
N ARG A 243 -16.81 -24.19 -2.90
CA ARG A 243 -15.53 -23.85 -2.28
C ARG A 243 -14.55 -23.31 -3.32
N ALA A 244 -13.99 -22.13 -3.05
CA ALA A 244 -13.03 -21.49 -3.94
C ALA A 244 -11.76 -21.11 -3.16
N LEU A 245 -10.69 -20.90 -3.90
CA LEU A 245 -9.44 -20.38 -3.36
C LEU A 245 -9.09 -19.12 -4.14
N ALA A 246 -9.07 -17.98 -3.45
CA ALA A 246 -8.76 -16.69 -4.06
C ALA A 246 -7.30 -16.35 -3.78
N LEU A 247 -6.49 -16.32 -4.82
CA LEU A 247 -5.11 -15.84 -4.71
C LEU A 247 -5.14 -14.37 -5.14
N SER A 248 -5.15 -13.46 -4.17
CA SER A 248 -5.34 -12.04 -4.40
C SER A 248 -3.97 -11.37 -4.41
N ILE A 249 -3.58 -10.81 -5.54
CA ILE A 249 -2.23 -10.31 -5.75
C ILE A 249 -2.31 -8.84 -6.07
N ILE A 250 -1.60 -8.03 -5.28
CA ILE A 250 -1.58 -6.57 -5.41
C ILE A 250 -0.17 -6.15 -5.81
N ARG A 251 -0.06 -4.90 -6.27
CA ARG A 251 1.29 -4.42 -6.55
C ARG A 251 2.01 -4.05 -5.27
N ARG A 252 3.35 -3.97 -5.38
CA ARG A 252 4.21 -3.89 -4.20
C ARG A 252 3.97 -2.63 -3.36
N GLU A 253 3.47 -1.55 -3.93
CA GLU A 253 3.31 -0.36 -3.11
C GLU A 253 2.02 -0.34 -2.30
N LEU A 254 1.20 -1.38 -2.37
CA LEU A 254 -0.10 -1.38 -1.71
C LEU A 254 -0.07 -2.28 -0.48
N ARG A 255 -0.89 -1.93 0.51
CA ARG A 255 -0.93 -2.69 1.75
C ARG A 255 -1.75 -3.97 1.60
N PRO A 256 -1.24 -5.13 2.04
CA PRO A 256 -2.07 -6.36 2.05
C PRO A 256 -3.18 -6.30 3.09
N VAL A 257 -4.30 -6.97 2.78
CA VAL A 257 -5.35 -7.17 3.77
C VAL A 257 -4.89 -8.13 4.86
N GLN A 258 -3.97 -9.05 4.56
CA GLN A 258 -3.47 -9.98 5.57
C GLN A 258 -2.04 -9.63 5.96
N ALA A 259 -1.76 -9.70 7.26
CA ALA A 259 -0.41 -9.46 7.79
C ALA A 259 0.38 -10.77 7.84
N PHE A 260 0.65 -11.32 6.66
CA PHE A 260 1.23 -12.66 6.56
C PHE A 260 2.60 -12.76 7.25
N SER A 261 3.44 -11.74 7.11
CA SER A 261 4.77 -11.86 7.71
C SER A 261 4.71 -11.92 9.22
N LEU A 262 3.60 -11.50 9.81
CA LEU A 262 3.47 -11.52 11.26
C LEU A 262 2.78 -12.77 11.79
N SER A 263 1.96 -13.45 10.98
CA SER A 263 1.28 -14.66 11.44
C SER A 263 1.88 -15.95 10.89
N VAL A 264 2.34 -15.95 9.65
CA VAL A 264 2.99 -17.14 9.09
C VAL A 264 4.30 -17.39 9.82
N PRO A 265 4.54 -18.60 10.34
CA PRO A 265 5.73 -18.82 11.17
C PRO A 265 7.01 -18.70 10.37
N MET A 266 8.09 -18.35 11.08
CA MET A 266 9.38 -18.22 10.41
C MET A 266 9.88 -19.56 9.90
N LYS A 267 9.57 -20.66 10.63
CA LYS A 267 9.88 -22.01 10.16
C LYS A 267 9.32 -22.25 8.77
N LEU A 268 8.15 -21.68 8.47
CA LEU A 268 7.57 -21.81 7.13
C LEU A 268 8.17 -20.83 6.14
N ALA A 269 8.55 -19.64 6.61
CA ALA A 269 9.22 -18.68 5.74
C ALA A 269 10.55 -19.24 5.23
N ARG A 270 11.31 -19.92 6.11
CA ARG A 270 12.64 -20.42 5.75
C ARG A 270 12.58 -21.46 4.65
N GLU A 271 11.49 -22.24 4.58
CA GLU A 271 11.31 -23.24 3.55
C GLU A 271 10.80 -22.69 2.24
N MET A 272 10.49 -21.39 2.18
CA MET A 272 9.93 -20.79 0.99
C MET A 272 11.00 -20.41 -0.01
N SER A 273 10.68 -20.55 -1.29
CA SER A 273 11.53 -19.97 -2.31
C SER A 273 11.58 -18.46 -2.13
N GLU A 274 12.61 -17.85 -2.71
CA GLU A 274 12.81 -16.42 -2.53
C GLU A 274 11.64 -15.63 -3.09
N ARG A 275 11.08 -16.07 -4.22
CA ARG A 275 9.93 -15.34 -4.75
C ARG A 275 8.70 -15.56 -3.88
N SER A 276 8.63 -16.67 -3.14
CA SER A 276 7.53 -16.81 -2.19
C SER A 276 7.76 -15.96 -0.96
N GLN A 277 9.00 -15.86 -0.49
CA GLN A 277 9.31 -14.94 0.59
C GLN A 277 8.92 -13.50 0.21
N THR A 278 9.20 -13.11 -1.03
CA THR A 278 8.82 -11.76 -1.44
C THR A 278 7.30 -11.60 -1.45
N MET A 279 6.56 -12.65 -1.83
CA MET A 279 5.10 -12.60 -1.88
C MET A 279 4.47 -12.33 -0.52
N PHE A 280 5.09 -12.81 0.55
CA PHE A 280 4.51 -12.73 1.88
C PHE A 280 5.20 -11.71 2.77
N GLY A 281 6.16 -10.95 2.24
CA GLY A 281 6.69 -9.85 3.01
C GLY A 281 7.83 -10.24 3.91
N PHE A 282 8.43 -11.40 3.68
CA PHE A 282 9.64 -11.83 4.37
C PHE A 282 10.90 -11.37 3.64
N ARG A 283 10.74 -10.52 2.63
CA ARG A 283 11.81 -10.16 1.71
C ARG A 283 11.34 -8.95 0.92
N SER A 284 12.26 -8.02 0.67
CA SER A 284 11.91 -6.75 0.06
C SER A 284 12.03 -6.85 -1.45
N SER A 285 11.66 -5.78 -2.15
CA SER A 285 11.94 -5.68 -3.57
C SER A 285 12.28 -4.23 -3.88
N VAL A 286 13.21 -4.02 -4.79
CA VAL A 286 13.79 -2.71 -5.03
C VAL A 286 12.95 -1.96 -6.05
N GLN A 287 12.50 -0.75 -5.70
CA GLN A 287 11.81 0.15 -6.62
C GLN A 287 12.77 1.24 -7.10
N HIS A 288 12.61 1.64 -8.35
CA HIS A 288 13.38 2.75 -8.90
C HIS A 288 12.47 3.93 -9.16
N CYS A 289 12.90 5.12 -8.73
CA CYS A 289 12.20 6.33 -9.12
C CYS A 289 13.13 7.24 -9.89
N VAL A 291 16.10 7.98 -10.94
CA VAL A 291 17.49 8.11 -10.50
C VAL A 291 17.74 7.48 -9.12
N ASP A 292 16.72 7.47 -8.27
CA ASP A 292 16.84 6.95 -6.92
C ASP A 292 16.33 5.52 -6.82
N MET A 293 16.86 4.80 -5.81
CA MET A 293 16.49 3.41 -5.53
C MET A 293 16.15 3.26 -4.06
N VAL A 294 15.04 2.58 -3.77
CA VAL A 294 14.61 2.29 -2.41
C VAL A 294 14.09 0.86 -2.36
N HIS A 295 14.43 0.15 -1.28
CA HIS A 295 13.78 -1.13 -1.00
C HIS A 295 12.39 -0.85 -0.44
N PHE A 296 11.36 -1.35 -1.10
CA PHE A 296 10.05 -1.28 -0.50
C PHE A 296 9.90 -2.39 0.54
N TRP A 297 9.35 -2.03 1.70
CA TRP A 297 9.22 -2.94 2.82
C TRP A 297 10.62 -3.43 3.22
N GLY A 298 11.47 -2.44 3.53
CA GLY A 298 12.86 -2.70 3.80
C GLY A 298 13.25 -2.42 5.24
N ASN A 299 14.56 -2.49 5.49
CA ASN A 299 15.13 -2.30 6.83
C ASN A 299 16.36 -1.40 6.72
N ASP A 300 16.14 -0.08 6.86
CA ASP A 300 17.24 0.88 6.95
C ASP A 300 18.20 0.74 5.78
N GLY A 301 17.65 0.71 4.57
CA GLY A 301 18.49 0.60 3.40
C GLY A 301 18.92 -0.80 3.03
N LYS A 302 18.59 -1.81 3.85
CA LYS A 302 18.92 -3.18 3.52
C LYS A 302 17.64 -3.99 3.37
N ASP A 303 17.76 -5.11 2.66
CA ASP A 303 16.64 -6.04 2.55
C ASP A 303 16.24 -6.51 3.94
N ILE A 304 14.93 -6.60 4.18
CA ILE A 304 14.46 -7.11 5.46
C ILE A 304 14.83 -8.59 5.61
N ALA A 305 15.16 -9.28 4.52
CA ALA A 305 15.51 -10.69 4.60
C ALA A 305 16.81 -10.90 5.35
N HIS A 306 17.68 -9.89 5.37
CA HIS A 306 18.90 -9.97 6.18
C HIS A 306 18.58 -10.13 7.66
N HIS A 307 17.91 -9.13 8.24
CA HIS A 307 17.54 -9.20 9.65
C HIS A 307 16.76 -10.46 9.98
N LEU A 308 15.96 -10.98 9.04
CA LEU A 308 15.17 -12.19 9.28
C LEU A 308 16.01 -13.46 9.15
N GLY A 309 17.24 -13.37 8.65
CA GLY A 309 18.09 -14.52 8.53
C GLY A 309 17.85 -15.35 7.30
N LEU A 310 17.31 -14.77 6.24
CA LEU A 310 16.98 -15.53 5.06
C LEU A 310 18.04 -15.43 3.96
N ILE A 311 19.20 -14.85 4.27
CA ILE A 311 20.26 -14.56 3.31
C ILE A 311 19.77 -13.51 2.31
N VAL B 15 7.52 41.99 2.34
CA VAL B 15 7.75 42.39 0.94
C VAL B 15 7.53 43.89 0.75
N PRO B 16 8.59 44.59 0.35
CA PRO B 16 8.45 46.03 0.05
C PRO B 16 7.45 46.31 -1.06
N ARG B 17 6.75 47.44 -0.91
CA ARG B 17 5.65 47.78 -1.82
C ARG B 17 6.09 47.76 -3.28
N GLY B 18 5.28 47.12 -4.11
CA GLY B 18 5.57 46.92 -5.51
C GLY B 18 6.42 45.71 -5.82
N SER B 19 7.05 45.11 -4.82
CA SER B 19 7.86 43.93 -5.07
C SER B 19 6.98 42.76 -5.46
N HIS B 20 7.61 41.74 -6.03
CA HIS B 20 6.97 40.45 -6.22
C HIS B 20 6.91 39.69 -4.91
N MET B 21 5.73 39.14 -4.59
CA MET B 21 5.55 38.38 -3.36
C MET B 21 5.82 36.91 -3.61
N PRO B 22 6.83 36.32 -2.98
CA PRO B 22 7.10 34.89 -3.20
C PRO B 22 5.99 34.03 -2.63
N PRO B 23 5.97 32.73 -2.96
CA PRO B 23 4.87 31.86 -2.49
C PRO B 23 4.79 31.80 -0.97
N ARG B 24 3.57 31.84 -0.44
CA ARG B 24 3.35 32.00 0.99
C ARG B 24 3.65 30.71 1.74
N LEU B 25 4.41 30.82 2.84
CA LEU B 25 4.72 29.66 3.70
C LEU B 25 4.35 30.05 5.13
N GLN B 26 3.08 29.84 5.50
CA GLN B 26 2.62 30.25 6.82
C GLN B 26 3.37 29.49 7.91
N ARG B 27 3.20 29.97 9.16
CA ARG B 27 3.89 29.45 10.33
C ARG B 27 2.93 29.50 11.51
N PHE B 28 3.01 28.50 12.37
CA PHE B 28 2.18 28.40 13.57
C PHE B 28 3.03 27.85 14.71
N PRO B 29 2.80 28.31 15.94
CA PRO B 29 3.44 27.67 17.09
C PRO B 29 2.75 26.35 17.37
N ALA B 30 3.52 25.39 17.89
CA ALA B 30 2.96 24.07 18.16
C ALA B 30 1.78 24.12 19.13
N THR B 31 1.47 25.28 19.71
CA THR B 31 0.33 25.47 20.59
C THR B 31 -0.92 25.89 19.83
N ALA B 32 -0.81 26.10 18.53
CA ALA B 32 -1.95 26.55 17.74
C ALA B 32 -2.95 25.41 17.49
N SER B 33 -4.18 25.80 17.12
CA SER B 33 -5.26 24.84 16.90
C SER B 33 -4.98 23.95 15.69
N ALA B 34 -5.56 22.74 15.73
CA ALA B 34 -5.38 21.80 14.63
C ALA B 34 -6.10 22.27 13.37
N ASP B 35 -7.38 22.62 13.49
CA ASP B 35 -8.10 23.14 12.33
C ASP B 35 -7.35 24.32 11.73
N GLU B 36 -6.66 25.11 12.57
CA GLU B 36 -5.92 26.27 12.09
C GLU B 36 -4.74 25.85 11.22
N ILE B 37 -3.85 25.01 11.76
CA ILE B 37 -2.71 24.56 10.98
C ILE B 37 -3.17 23.76 9.77
N PHE B 38 -4.31 23.07 9.88
CA PHE B 38 -4.81 22.27 8.76
C PHE B 38 -5.30 23.18 7.64
N ALA B 39 -5.97 24.28 7.99
CA ALA B 39 -6.39 25.24 6.98
C ALA B 39 -5.19 25.78 6.20
N ALA B 40 -4.07 26.02 6.87
CA ALA B 40 -2.87 26.42 6.16
C ALA B 40 -2.34 25.27 5.29
N PHE B 41 -2.42 24.04 5.80
CA PHE B 41 -2.01 22.87 5.02
C PHE B 41 -2.85 22.75 3.76
N GLN B 42 -4.17 22.85 3.90
CA GLN B 42 -5.07 22.75 2.75
C GLN B 42 -4.77 23.82 1.71
N GLU B 43 -4.69 25.08 2.13
CA GLU B 43 -4.55 26.17 1.17
C GLU B 43 -3.19 26.16 0.49
N ASP B 44 -2.12 25.86 1.23
CA ASP B 44 -0.77 26.03 0.69
C ASP B 44 0.01 24.75 0.52
N GLY B 45 -0.54 23.60 0.91
CA GLY B 45 0.16 22.34 0.79
C GLY B 45 1.21 22.09 1.84
N CYS B 46 1.57 23.11 2.62
CA CYS B 46 2.58 23.00 3.66
C CYS B 46 2.35 24.12 4.65
N VAL B 47 3.02 23.99 5.80
CA VAL B 47 2.89 24.94 6.89
C VAL B 47 3.98 24.58 7.90
N VAL B 48 4.65 25.59 8.47
CA VAL B 48 5.62 25.32 9.51
C VAL B 48 4.91 25.19 10.85
N ILE B 49 5.43 24.33 11.72
CA ILE B 49 4.99 24.24 13.10
C ILE B 49 6.24 24.44 13.97
N GLU B 50 6.43 25.69 14.45
CA GLU B 50 7.57 26.02 15.29
C GLU B 50 7.42 25.39 16.67
N GLY B 51 8.49 24.76 17.15
CA GLY B 51 8.44 24.05 18.40
C GLY B 51 7.58 22.80 18.36
N PHE B 52 7.59 22.09 17.22
CA PHE B 52 6.79 20.87 17.14
C PHE B 52 7.28 19.83 18.13
N ILE B 53 8.60 19.67 18.26
CA ILE B 53 9.19 18.90 19.33
C ILE B 53 9.90 19.87 20.28
N SER B 54 9.80 19.59 21.59
CA SER B 54 10.29 20.44 22.68
C SER B 54 11.78 20.70 22.57
N PRO B 55 12.32 21.70 23.29
CA PRO B 55 13.74 22.03 23.14
C PRO B 55 14.70 20.89 23.49
N GLU B 56 14.63 20.42 24.73
CA GLU B 56 15.55 19.36 25.14
C GLU B 56 15.21 18.05 24.45
N GLN B 57 13.94 17.85 24.10
CA GLN B 57 13.54 16.60 23.47
C GLN B 57 14.31 16.35 22.19
N VAL B 58 14.37 17.38 21.32
CA VAL B 58 15.17 17.29 20.09
C VAL B 58 16.64 17.06 20.41
N ALA B 59 17.13 17.70 21.48
CA ALA B 59 18.51 17.49 21.89
C ALA B 59 18.73 16.06 22.31
N ARG B 60 17.85 15.54 23.17
CA ARG B 60 17.96 14.13 23.60
C ARG B 60 17.84 13.17 22.41
N PHE B 61 17.05 13.54 21.40
CA PHE B 61 16.97 12.70 20.22
C PHE B 61 18.27 12.74 19.43
N SER B 62 18.81 13.94 19.20
CA SER B 62 19.98 14.09 18.33
C SER B 62 21.19 13.36 18.92
N GLN B 63 21.37 13.43 20.24
CA GLN B 63 22.45 12.67 20.85
C GLN B 63 22.25 11.19 20.62
N GLU B 64 21.01 10.72 20.81
CA GLU B 64 20.75 9.27 20.82
C GLU B 64 21.06 8.63 19.47
N VAL B 65 20.77 9.32 18.36
CA VAL B 65 21.07 8.76 17.05
C VAL B 65 22.45 9.15 16.54
N ASP B 66 23.19 10.00 17.27
CA ASP B 66 24.52 10.39 16.81
C ASP B 66 25.46 9.20 16.65
N PRO B 67 25.46 8.19 17.54
CA PRO B 67 26.32 7.02 17.27
C PRO B 67 25.97 6.32 15.98
N ALA B 68 24.68 6.11 15.73
CA ALA B 68 24.28 5.44 14.49
C ALA B 68 24.63 6.29 13.28
N MET B 69 24.39 7.60 13.35
CA MET B 69 24.81 8.50 12.28
C MET B 69 26.31 8.40 12.06
N GLU B 70 27.08 8.42 13.15
CA GLU B 70 28.52 8.42 13.03
C GLU B 70 29.04 7.19 12.30
N LYS B 71 28.29 6.09 12.30
CA LYS B 71 28.72 4.84 11.66
C LYS B 71 28.18 4.70 10.24
N ILE B 72 27.75 5.78 9.61
CA ILE B 72 27.26 5.78 8.23
C ILE B 72 28.30 6.47 7.37
N PRO B 73 28.98 5.76 6.46
CA PRO B 73 29.90 6.45 5.54
C PRO B 73 29.13 7.36 4.59
N VAL B 74 29.83 8.36 4.06
CA VAL B 74 29.24 9.34 3.14
C VAL B 74 29.68 9.00 1.71
N GLU B 75 28.71 8.88 0.81
CA GLU B 75 29.03 8.66 -0.60
C GLU B 75 29.41 9.99 -1.25
N VAL B 76 30.57 10.02 -1.91
CA VAL B 76 30.95 11.20 -2.68
C VAL B 76 30.94 10.82 -4.16
N THR B 77 29.77 10.94 -4.78
CA THR B 77 29.56 10.45 -6.14
C THR B 77 29.25 11.60 -7.09
N ASN B 79 27.08 12.57 -9.59
CA ASN B 79 26.27 11.36 -9.85
C ASN B 79 24.77 11.59 -9.93
N GLY B 80 24.25 12.51 -9.13
CA GLY B 80 22.91 13.04 -9.31
C GLY B 80 21.85 12.48 -8.39
N ASN B 81 22.08 11.34 -7.74
CA ASN B 81 21.02 10.74 -6.95
C ASN B 81 20.96 11.33 -5.54
N SER B 82 19.92 10.92 -4.79
CA SER B 82 19.59 11.54 -3.51
C SER B 82 20.44 11.00 -2.35
N ASN B 83 21.55 10.32 -2.66
CA ASN B 83 22.44 9.82 -1.63
C ASN B 83 23.83 10.43 -1.68
N ASP B 84 24.12 11.31 -2.63
CA ASP B 84 25.45 11.91 -2.78
C ASP B 84 25.65 12.94 -1.68
N ARG B 85 26.43 12.57 -0.66
CA ARG B 85 26.78 13.44 0.48
C ARG B 85 25.55 13.75 1.34
N THR B 86 24.69 12.76 1.49
CA THR B 86 23.49 12.85 2.34
C THR B 86 23.34 11.52 3.08
N LYS B 87 23.47 11.56 4.42
CA LYS B 87 23.29 10.37 5.25
C LYS B 87 21.82 10.16 5.58
N ARG B 88 21.39 8.89 5.55
CA ARG B 88 20.00 8.54 5.84
C ARG B 88 19.96 7.38 6.81
N PHE B 89 19.04 7.44 7.77
CA PHE B 89 18.99 6.48 8.88
C PHE B 89 17.56 6.35 9.38
N SER B 90 17.05 5.12 9.45
CA SER B 90 15.64 4.89 9.73
C SER B 90 15.31 4.13 11.01
N LYS B 91 16.29 3.59 11.73
CA LYS B 91 16.03 2.82 12.95
C LYS B 91 15.86 3.69 14.20
N CYS B 92 15.02 4.74 14.12
CA CYS B 92 14.90 5.68 15.25
C CYS B 92 14.18 5.05 16.44
N VAL B 93 13.20 4.19 16.19
CA VAL B 93 12.50 3.54 17.30
C VAL B 93 13.47 2.69 18.10
N ILE B 94 14.30 1.92 17.40
CA ILE B 94 15.27 1.05 18.06
C ILE B 94 16.29 1.88 18.83
N ALA B 95 16.85 2.90 18.18
CA ALA B 95 18.03 3.59 18.68
C ALA B 95 17.69 4.74 19.62
N SER B 96 16.42 5.11 19.76
CA SER B 96 16.13 6.32 20.51
C SER B 96 14.90 6.15 21.38
N PRO B 97 15.06 6.14 22.70
CA PRO B 97 13.88 6.11 23.58
C PRO B 97 13.04 7.35 23.47
N THR B 98 13.68 8.51 23.32
CA THR B 98 12.94 9.77 23.27
C THR B 98 11.96 9.77 22.10
N PHE B 99 12.43 9.32 20.93
CA PHE B 99 11.57 9.23 19.76
C PHE B 99 10.40 8.27 20.01
N ARG B 100 10.70 7.03 20.43
CA ARG B 100 9.65 6.04 20.59
C ARG B 100 8.71 6.36 21.74
N ASN B 101 9.21 7.05 22.76
CA ASN B 101 8.42 7.33 23.97
C ASN B 101 7.77 8.70 23.97
N GLU B 102 8.41 9.71 23.37
CA GLU B 102 7.93 11.08 23.44
C GLU B 102 7.41 11.58 22.11
N ILE B 103 8.27 11.59 21.07
CA ILE B 103 7.97 12.36 19.86
C ILE B 103 6.75 11.78 19.14
N ILE B 104 6.73 10.46 18.94
CA ILE B 104 5.68 9.82 18.16
C ILE B 104 4.34 9.82 18.88
N GLU B 105 4.31 10.36 20.10
CA GLU B 105 3.06 10.46 20.85
C GLU B 105 2.54 11.89 20.87
N SER B 106 2.97 12.72 19.92
CA SER B 106 2.45 14.07 19.78
C SER B 106 0.95 14.04 19.49
N ASP B 107 0.14 14.52 20.45
CA ASP B 107 -1.30 14.57 20.22
C ASP B 107 -1.65 15.43 19.02
N LEU B 108 -0.87 16.48 18.75
CA LEU B 108 -1.15 17.35 17.61
C LEU B 108 -0.91 16.61 16.30
N MET B 109 0.20 15.87 16.21
CA MET B 109 0.50 15.06 15.04
C MET B 109 -0.69 14.20 14.67
N HIS B 110 -1.22 13.44 15.63
CA HIS B 110 -2.36 12.58 15.36
C HIS B 110 -3.59 13.41 15.00
N GLU B 111 -3.79 14.52 15.70
CA GLU B 111 -4.93 15.40 15.42
C GLU B 111 -4.89 15.89 13.97
N LEU B 112 -3.69 16.08 13.42
CA LEU B 112 -3.56 16.50 12.02
C LEU B 112 -3.65 15.32 11.07
N CYS B 113 -3.16 14.15 11.47
CA CYS B 113 -3.33 12.98 10.62
C CYS B 113 -4.79 12.57 10.53
N ASP B 114 -5.57 12.76 11.61
CA ASP B 114 -6.99 12.46 11.54
C ASP B 114 -7.71 13.32 10.51
N ARG B 115 -7.28 14.57 10.33
CA ARG B 115 -7.97 15.44 9.37
C ARG B 115 -7.58 15.12 7.94
N VAL B 116 -6.31 14.75 7.73
CA VAL B 116 -5.87 14.47 6.38
C VAL B 116 -6.41 13.13 5.89
N PHE B 117 -6.49 12.13 6.79
CA PHE B 117 -6.66 10.73 6.38
C PHE B 117 -7.93 10.05 6.87
N SER B 118 -8.31 10.21 8.14
CA SER B 118 -9.38 9.40 8.69
C SER B 118 -10.77 9.87 8.26
N LYS B 119 -11.67 8.90 8.16
CA LYS B 119 -13.07 9.09 7.87
C LYS B 119 -13.87 8.65 9.09
N PRO B 120 -15.00 9.30 9.38
CA PRO B 120 -15.72 9.01 10.64
C PRO B 120 -16.29 7.60 10.62
N GLY B 121 -16.08 6.89 11.73
CA GLY B 121 -16.51 5.53 11.86
C GLY B 121 -15.51 4.49 11.38
N GLU B 122 -14.50 4.89 10.61
CA GLU B 122 -13.54 3.95 10.04
C GLU B 122 -12.22 3.90 10.81
N GLY B 123 -12.18 4.49 12.01
CA GLY B 123 -10.97 4.46 12.85
C GLY B 123 -9.80 5.24 12.26
N MET B 124 -8.60 4.84 12.67
CA MET B 124 -7.36 5.47 12.21
C MET B 124 -7.11 5.15 10.73
N GLY B 125 -7.12 6.19 9.88
CA GLY B 125 -6.92 6.03 8.46
C GLY B 125 -5.50 6.11 7.99
N TYR B 126 -4.53 6.09 8.91
CA TYR B 126 -3.14 6.36 8.59
C TYR B 126 -2.21 5.47 9.41
N HIS B 127 -0.96 5.40 8.97
CA HIS B 127 0.09 4.71 9.70
C HIS B 127 1.42 5.23 9.15
N PHE B 128 2.50 4.78 9.74
CA PHE B 128 3.79 5.39 9.46
C PHE B 128 4.38 4.78 8.19
N ASN B 129 4.85 5.65 7.30
CA ASN B 129 5.66 5.20 6.17
C ASN B 129 7.12 4.96 6.57
N ASP B 130 7.72 5.91 7.29
CA ASP B 130 9.15 5.89 7.57
C ASP B 130 9.42 6.81 8.74
N ASN B 131 10.61 6.65 9.31
CA ASN B 131 11.15 7.51 10.37
C ASN B 131 12.61 7.77 9.98
N MET B 132 12.84 8.81 9.20
CA MET B 132 14.15 8.99 8.60
C MET B 132 14.85 10.22 9.19
N VAL B 133 16.07 10.02 9.67
CA VAL B 133 16.99 11.11 9.95
C VAL B 133 17.83 11.33 8.70
N ILE B 134 17.76 12.54 8.13
CA ILE B 134 18.46 12.88 6.89
C ILE B 134 19.40 14.02 7.21
N GLU B 135 20.68 13.82 6.97
CA GLU B 135 21.74 14.74 7.35
C GLU B 135 22.49 15.09 6.07
N VAL B 136 22.13 16.21 5.45
CA VAL B 136 22.79 16.63 4.22
C VAL B 136 24.19 17.13 4.57
N GLN B 137 25.20 16.42 4.09
CA GLN B 137 26.58 16.73 4.42
C GLN B 137 27.05 17.99 3.70
N PRO B 138 28.05 18.69 4.23
CA PRO B 138 28.52 19.92 3.58
C PRO B 138 29.09 19.62 2.21
N GLY B 139 28.74 20.46 1.24
CA GLY B 139 29.09 20.21 -0.15
C GLY B 139 28.14 19.30 -0.91
N ALA B 140 27.02 18.90 -0.32
CA ALA B 140 26.10 18.02 -1.01
C ALA B 140 25.36 18.78 -2.09
N PRO B 141 25.36 18.30 -3.33
CA PRO B 141 24.52 18.91 -4.36
C PRO B 141 23.05 18.94 -3.94
N ALA B 142 22.31 19.89 -4.52
CA ALA B 142 20.89 20.00 -4.26
C ALA B 142 20.17 18.76 -4.76
N GLN B 143 19.25 18.24 -3.93
CA GLN B 143 18.48 17.06 -4.29
C GLN B 143 17.55 17.39 -5.46
N ARG B 144 17.33 16.37 -6.30
CA ARG B 144 16.34 16.47 -7.37
C ARG B 144 15.01 17.01 -6.82
N LEU B 145 14.38 17.90 -7.59
CA LEU B 145 13.04 18.37 -7.26
C LEU B 145 12.03 17.25 -7.48
N HIS B 146 11.10 17.11 -6.53
CA HIS B 146 10.23 15.94 -6.58
C HIS B 146 9.01 16.17 -5.69
N ARG B 147 7.95 15.42 -5.99
CA ARG B 147 6.85 15.18 -5.08
C ARG B 147 7.11 13.84 -4.38
N ASP B 148 6.91 13.81 -3.05
CA ASP B 148 7.11 12.57 -2.31
C ASP B 148 6.13 11.48 -2.74
N GLN B 149 4.97 11.86 -3.26
CA GLN B 149 4.02 10.88 -3.74
C GLN B 149 4.49 10.22 -5.04
N GLU B 150 5.68 10.55 -5.55
CA GLU B 150 6.24 9.77 -6.64
C GLU B 150 6.62 8.40 -6.16
N LEU B 151 6.73 8.23 -4.83
CA LEU B 151 6.92 6.93 -4.22
C LEU B 151 5.81 5.96 -4.61
N TYR B 152 4.60 6.50 -4.84
CA TYR B 152 3.42 5.77 -5.30
C TYR B 152 3.14 6.23 -6.73
N PRO B 153 3.81 5.65 -7.73
CA PRO B 153 3.89 6.29 -9.06
C PRO B 153 2.58 6.69 -9.72
N TRP B 154 1.48 5.97 -9.48
CA TRP B 154 0.23 6.34 -10.14
C TRP B 154 -0.39 7.61 -9.55
N TRP B 155 0.09 8.09 -8.41
CA TRP B 155 -0.65 9.13 -7.70
C TRP B 155 -0.61 10.45 -8.43
N ASN B 156 0.53 10.79 -9.04
CA ASN B 156 0.59 12.01 -9.84
C ASN B 156 -0.51 12.01 -10.88
N SER B 157 -0.82 10.84 -11.44
CA SER B 157 -1.78 10.79 -12.52
C SER B 157 -3.15 11.31 -12.08
N MET B 158 -3.44 11.28 -10.78
CA MET B 158 -4.74 11.73 -10.30
C MET B 158 -4.84 13.24 -10.20
N GLY B 159 -3.73 13.98 -10.27
CA GLY B 159 -3.77 15.43 -10.25
C GLY B 159 -4.19 15.98 -8.90
N PRO B 160 -4.41 17.31 -8.83
CA PRO B 160 -4.72 17.93 -7.52
C PRO B 160 -6.03 17.49 -6.93
N ALA B 161 -6.93 16.93 -7.75
CA ALA B 161 -8.20 16.42 -7.25
C ALA B 161 -8.04 15.13 -6.43
N GLY B 162 -6.96 14.38 -6.65
CA GLY B 162 -6.75 13.12 -5.98
C GLY B 162 -6.72 13.26 -4.47
N PRO B 163 -7.04 12.17 -3.77
CA PRO B 163 -6.94 12.19 -2.30
C PRO B 163 -5.49 12.20 -1.86
N GLU B 164 -5.29 12.55 -0.59
CA GLU B 164 -3.94 12.64 -0.07
C GLU B 164 -3.42 11.25 0.28
N CYS B 165 -2.27 10.89 -0.29
CA CYS B 165 -1.66 9.61 0.07
C CYS B 165 -0.64 9.74 1.20
N LEU B 166 -0.01 10.91 1.33
CA LEU B 166 1.21 11.00 2.12
C LEU B 166 1.36 12.41 2.67
N ILE B 167 1.77 12.51 3.93
CA ILE B 167 2.17 13.75 4.54
C ILE B 167 3.47 13.54 5.30
N ASN B 168 4.22 14.62 5.43
CA ASN B 168 5.54 14.61 6.02
C ASN B 168 5.54 15.64 7.14
N PHE B 169 5.87 15.21 8.36
CA PHE B 169 6.28 16.13 9.41
C PHE B 169 7.79 16.15 9.37
N PHE B 170 8.36 17.19 8.74
CA PHE B 170 9.79 17.25 8.43
C PHE B 170 10.45 18.20 9.42
N CYS B 171 10.98 17.62 10.48
CA CYS B 171 11.43 18.36 11.65
C CYS B 171 12.95 18.55 11.59
N ALA B 172 13.42 19.71 12.06
CA ALA B 172 14.84 20.05 12.01
C ALA B 172 15.54 19.58 13.28
N VAL B 173 16.74 19.02 13.11
CA VAL B 173 17.54 18.53 14.23
C VAL B 173 18.65 19.53 14.54
N THR B 174 19.56 19.71 13.61
CA THR B 174 20.39 20.91 13.60
C THR B 174 19.66 22.00 12.80
N PRO B 175 20.02 23.28 12.96
CA PRO B 175 19.22 24.35 12.36
C PRO B 175 19.19 24.30 10.84
N PHE B 176 18.16 24.92 10.28
CA PHE B 176 17.96 25.04 8.85
C PHE B 176 18.28 26.46 8.41
N THR B 177 19.27 26.61 7.55
CA THR B 177 19.61 27.90 6.96
C THR B 177 19.51 27.81 5.45
N GLU B 178 19.55 28.97 4.79
CA GLU B 178 19.60 28.93 3.33
C GLU B 178 20.91 28.32 2.83
N GLU B 179 21.99 28.45 3.59
CA GLU B 179 23.30 28.01 3.13
C GLU B 179 23.63 26.54 3.45
N ASN B 180 23.09 26.00 4.55
CA ASN B 180 23.38 24.59 4.87
C ASN B 180 22.47 23.61 4.14
N GLY B 181 21.64 24.10 3.21
CA GLY B 181 20.81 23.21 2.43
C GLY B 181 19.49 22.81 3.05
N ALA B 182 18.83 23.72 3.77
CA ALA B 182 17.46 23.49 4.23
C ALA B 182 16.58 23.11 3.02
N THR B 183 15.34 22.68 3.25
CA THR B 183 14.52 22.16 2.15
C THR B 183 13.93 23.30 1.33
N ARG B 184 14.05 23.20 0.01
CA ARG B 184 13.40 24.16 -0.87
C ARG B 184 11.96 23.72 -1.08
N LEU B 185 10.99 24.56 -0.68
CA LEU B 185 9.58 24.25 -0.82
C LEU B 185 8.98 25.03 -1.97
N VAL B 186 8.07 24.40 -2.71
CA VAL B 186 7.27 25.09 -3.72
C VAL B 186 5.81 25.10 -3.26
N PRO B 187 5.42 25.97 -2.31
CA PRO B 187 4.02 26.00 -1.85
C PRO B 187 3.06 26.20 -3.01
N GLY B 188 1.89 25.57 -2.89
CA GLY B 188 0.88 25.67 -3.92
C GLY B 188 1.12 24.84 -5.16
N SER B 189 2.22 24.08 -5.21
CA SER B 189 2.36 23.16 -6.32
C SER B 189 1.48 21.93 -6.16
N HIS B 190 0.74 21.84 -5.05
CA HIS B 190 -0.30 20.84 -4.85
C HIS B 190 -1.58 21.15 -5.62
N LEU B 191 -1.67 22.32 -6.25
CA LEU B 191 -2.87 22.72 -6.97
C LEU B 191 -2.61 22.99 -8.45
N TRP B 192 -1.38 22.76 -8.92
CA TRP B 192 -1.16 22.79 -10.36
C TRP B 192 -2.08 21.77 -11.03
N PRO B 193 -2.43 21.97 -12.29
CA PRO B 193 -3.49 21.13 -12.88
C PRO B 193 -2.99 19.83 -13.44
N GLU B 194 -1.70 19.70 -13.72
CA GLU B 194 -1.14 18.43 -14.17
C GLU B 194 0.09 18.16 -13.32
N PHE B 195 0.06 17.03 -12.60
CA PHE B 195 1.17 16.65 -11.74
C PHE B 195 2.15 15.81 -12.54
N THR B 196 3.37 16.29 -12.66
CA THR B 196 4.37 15.72 -13.54
C THR B 196 5.64 15.47 -12.74
N GLN B 197 6.53 14.68 -13.29
CA GLN B 197 7.89 14.72 -12.76
C GLN B 197 8.53 16.06 -13.16
N ILE B 198 9.50 16.49 -12.36
CA ILE B 198 10.07 17.82 -12.49
C ILE B 198 11.41 17.67 -13.21
N ASN B 199 11.37 17.66 -14.54
CA ASN B 199 12.57 17.67 -15.36
C ASN B 199 12.26 18.41 -16.65
N GLU B 200 13.32 18.69 -17.43
CA GLU B 200 13.16 19.53 -18.61
C GLU B 200 12.29 18.87 -19.68
N ARG B 201 12.28 17.53 -19.74
CA ARG B 201 11.48 16.83 -20.75
C ARG B 201 10.02 16.70 -20.33
N ASP B 202 9.76 16.52 -19.04
CA ASP B 202 8.41 16.29 -18.55
C ASP B 202 7.78 17.52 -17.91
N CYS B 203 8.57 18.41 -17.31
CA CYS B 203 7.99 19.59 -16.69
C CYS B 203 8.13 20.79 -17.61
N PRO B 204 7.03 21.45 -17.98
CA PRO B 204 7.11 22.70 -18.74
C PRO B 204 7.79 23.80 -17.95
N GLN B 205 7.32 24.02 -16.73
CA GLN B 205 7.79 25.10 -15.89
C GLN B 205 9.21 24.88 -15.34
N PHE B 206 9.97 23.91 -15.85
CA PHE B 206 11.29 23.61 -15.30
C PHE B 206 12.25 24.76 -15.53
N GLY B 207 13.07 25.06 -14.51
CA GLY B 207 13.94 26.22 -14.53
C GLY B 207 13.26 27.52 -14.14
N LYS B 208 11.93 27.54 -14.09
CA LYS B 208 11.17 28.72 -13.67
C LYS B 208 10.40 28.47 -12.39
N ILE B 209 10.79 27.48 -11.60
CA ILE B 209 10.04 27.07 -10.43
C ILE B 209 10.47 27.93 -9.24
N GLU B 210 9.52 28.71 -8.69
CA GLU B 210 9.82 29.58 -7.55
C GLU B 210 9.78 28.77 -6.27
N THR B 211 10.95 28.48 -5.71
CA THR B 211 11.07 27.76 -4.45
C THR B 211 11.28 28.71 -3.28
N VAL B 212 10.95 28.24 -2.10
CA VAL B 212 11.22 28.99 -0.88
C VAL B 212 12.00 28.05 0.05
N PRO B 213 13.07 28.52 0.68
CA PRO B 213 13.76 27.70 1.68
C PRO B 213 12.93 27.60 2.96
N ALA B 214 13.06 26.46 3.63
CA ALA B 214 12.38 26.24 4.92
C ALA B 214 13.38 26.47 6.05
N ILE B 215 13.56 27.75 6.39
CA ILE B 215 14.45 28.15 7.47
C ILE B 215 13.82 27.80 8.82
N MET B 216 14.55 27.06 9.64
CA MET B 216 13.99 26.38 10.80
C MET B 216 15.06 26.23 11.87
N GLN B 217 14.61 26.30 13.13
CA GLN B 217 15.44 26.00 14.28
C GLN B 217 15.22 24.55 14.69
N PRO B 218 16.18 23.97 15.42
CA PRO B 218 15.97 22.63 15.99
C PRO B 218 14.65 22.53 16.74
N GLY B 219 13.85 21.50 16.39
CA GLY B 219 12.57 21.26 17.02
C GLY B 219 11.39 21.77 16.24
N ASP B 220 11.60 22.71 15.33
CA ASP B 220 10.57 23.09 14.39
C ASP B 220 10.32 21.94 13.43
N CYS B 221 9.19 22.01 12.73
CA CYS B 221 8.92 21.09 11.65
C CYS B 221 8.04 21.82 10.65
N TYR B 222 8.00 21.28 9.43
CA TYR B 222 7.02 21.67 8.44
C TYR B 222 6.20 20.44 8.04
N LEU B 223 4.88 20.57 8.13
CA LEU B 223 3.96 19.56 7.66
C LEU B 223 3.76 19.75 6.16
N MET B 224 4.17 18.78 5.36
CA MET B 224 4.14 18.92 3.90
C MET B 224 3.25 17.85 3.29
N SER B 225 2.55 18.23 2.23
CA SER B 225 1.74 17.31 1.46
C SER B 225 2.62 16.55 0.47
N GLY B 226 2.21 15.33 0.15
CA GLY B 226 2.94 14.59 -0.85
C GLY B 226 2.80 15.15 -2.25
N LYS B 227 1.99 16.20 -2.40
CA LYS B 227 1.80 16.86 -3.68
C LYS B 227 2.73 18.06 -3.88
N VAL B 228 3.40 18.50 -2.83
CA VAL B 228 4.23 19.70 -2.90
C VAL B 228 5.60 19.36 -3.49
N ILE B 229 5.96 20.07 -4.57
CA ILE B 229 7.30 19.95 -5.10
C ILE B 229 8.29 20.44 -4.07
N HIS B 230 9.45 19.81 -4.01
CA HIS B 230 10.43 20.16 -2.98
C HIS B 230 11.71 19.38 -3.23
N GLY B 231 12.69 19.61 -2.36
CA GLY B 231 13.99 18.98 -2.45
C GLY B 231 15.00 19.63 -1.52
N ALA B 232 15.95 18.84 -1.02
CA ALA B 232 17.05 19.42 -0.26
C ALA B 232 17.90 20.27 -1.18
N GLY B 233 18.29 21.43 -0.70
CA GLY B 233 19.14 22.31 -1.46
C GLY B 233 20.59 21.91 -1.40
N HIS B 234 21.42 22.71 -2.05
CA HIS B 234 22.86 22.54 -1.97
C HIS B 234 23.34 23.02 -0.61
N ASN B 235 24.19 22.24 0.04
CA ASN B 235 24.82 22.67 1.28
C ASN B 235 26.12 23.38 0.90
N ALA B 236 26.15 24.70 1.09
CA ALA B 236 27.29 25.50 0.67
C ALA B 236 28.41 25.54 1.69
N THR B 237 28.16 25.13 2.93
CA THR B 237 29.13 25.32 4.00
C THR B 237 30.28 24.31 3.90
N THR B 238 31.13 24.30 4.92
CA THR B 238 32.26 23.38 5.04
C THR B 238 32.27 22.64 6.37
N THR B 239 31.45 23.05 7.35
CA THR B 239 31.37 22.38 8.63
C THR B 239 29.95 21.97 9.03
N ASP B 240 28.91 22.40 8.32
CA ASP B 240 27.55 22.18 8.79
C ASP B 240 26.99 20.89 8.19
N ARG B 241 26.85 19.88 9.03
CA ARG B 241 26.08 18.67 8.70
C ARG B 241 24.63 18.98 9.08
N ARG B 242 23.79 19.20 8.07
CA ARG B 242 22.45 19.70 8.30
C ARG B 242 21.52 18.50 8.47
N ARG B 243 21.02 18.32 9.69
CA ARG B 243 20.34 17.09 10.10
C ARG B 243 18.85 17.34 10.30
N ALA B 244 18.02 16.39 9.83
CA ALA B 244 16.57 16.46 9.96
C ALA B 244 16.00 15.12 10.41
N LEU B 245 14.74 15.15 10.88
CA LEU B 245 13.95 13.96 11.21
C LEU B 245 12.63 13.97 10.44
N ALA B 246 12.46 13.00 9.52
CA ALA B 246 11.27 12.93 8.67
C ALA B 246 10.28 11.88 9.21
N LEU B 247 9.08 12.36 9.56
CA LEU B 247 7.96 11.51 9.98
C LEU B 247 7.03 11.33 8.78
N SER B 248 7.24 10.26 8.03
CA SER B 248 6.46 10.00 6.83
C SER B 248 5.22 9.18 7.22
N ILE B 249 4.03 9.73 7.01
CA ILE B 249 2.79 9.07 7.41
C ILE B 249 1.89 8.90 6.19
N ILE B 250 1.40 7.67 5.96
CA ILE B 250 0.64 7.32 4.77
C ILE B 250 -0.78 6.88 5.17
N ARG B 251 -1.67 6.76 4.18
CA ARG B 251 -2.97 6.17 4.48
C ARG B 251 -2.86 4.66 4.60
N ARG B 252 -3.80 4.08 5.36
CA ARG B 252 -3.62 2.71 5.81
C ARG B 252 -3.61 1.73 4.65
N GLU B 253 -4.12 2.12 3.49
CA GLU B 253 -4.17 1.21 2.35
C GLU B 253 -2.85 1.13 1.60
N LEU B 254 -1.89 1.98 1.95
CA LEU B 254 -0.60 2.03 1.26
C LEU B 254 0.44 1.30 2.09
N ARG B 255 1.44 0.76 1.40
CA ARG B 255 2.49 -0.04 2.04
C ARG B 255 3.63 0.84 2.53
N PRO B 256 4.19 0.62 3.71
CA PRO B 256 5.36 1.41 4.12
C PRO B 256 6.63 0.94 3.43
N VAL B 257 7.54 1.89 3.17
CA VAL B 257 8.87 1.51 2.70
C VAL B 257 9.67 0.84 3.79
N GLN B 258 9.35 1.06 5.06
CA GLN B 258 10.07 0.43 6.16
C GLN B 258 9.23 -0.69 6.77
N ALA B 259 9.81 -1.88 6.89
CA ALA B 259 9.11 -3.03 7.43
C ALA B 259 9.15 -3.04 8.97
N PHE B 260 8.62 -1.96 9.58
CA PHE B 260 8.86 -1.72 10.99
C PHE B 260 8.43 -2.89 11.86
N SER B 261 7.32 -3.56 11.51
CA SER B 261 6.83 -4.65 12.36
C SER B 261 7.69 -5.90 12.29
N LEU B 262 8.72 -5.92 11.45
CA LEU B 262 9.66 -7.02 11.38
C LEU B 262 11.04 -6.65 11.91
N SER B 263 11.32 -5.36 12.11
CA SER B 263 12.60 -4.92 12.64
C SER B 263 12.50 -4.38 14.05
N VAL B 264 11.43 -3.65 14.38
CA VAL B 264 11.19 -3.16 15.75
C VAL B 264 10.85 -4.32 16.67
N PRO B 265 11.73 -4.64 17.64
CA PRO B 265 11.50 -5.79 18.52
C PRO B 265 10.13 -5.76 19.21
N MET B 266 9.62 -6.95 19.50
CA MET B 266 8.33 -7.04 20.19
C MET B 266 8.37 -6.35 21.54
N LYS B 267 9.53 -6.35 22.20
CA LYS B 267 9.64 -5.71 23.51
C LYS B 267 9.22 -4.25 23.44
N LEU B 268 9.64 -3.54 22.38
CA LEU B 268 9.26 -2.13 22.25
C LEU B 268 7.79 -1.97 21.86
N ALA B 269 7.25 -2.90 21.07
CA ALA B 269 5.84 -2.80 20.68
C ALA B 269 4.91 -3.01 21.87
N ARG B 270 5.33 -3.80 22.85
CA ARG B 270 4.53 -3.97 24.06
C ARG B 270 4.44 -2.67 24.86
N GLU B 271 5.47 -1.84 24.79
CA GLU B 271 5.44 -0.56 25.47
C GLU B 271 4.68 0.52 24.70
N MET B 272 4.33 0.27 23.43
CA MET B 272 3.66 1.30 22.64
C MET B 272 2.18 1.39 22.99
N SER B 273 1.63 2.57 22.75
CA SER B 273 0.20 2.77 22.86
C SER B 273 -0.50 1.96 21.78
N GLU B 274 -1.82 1.82 21.91
CA GLU B 274 -2.61 1.24 20.83
C GLU B 274 -2.37 1.98 19.52
N ARG B 275 -2.52 3.32 19.54
CA ARG B 275 -2.38 4.07 18.31
C ARG B 275 -0.98 3.93 17.72
N SER B 276 0.05 3.90 18.57
CA SER B 276 1.40 3.76 18.03
C SER B 276 1.64 2.34 17.53
N GLN B 277 0.99 1.35 18.15
CA GLN B 277 1.04 0.01 17.60
C GLN B 277 0.40 -0.02 16.23
N THR B 278 -0.67 0.75 16.04
CA THR B 278 -1.28 0.82 14.72
C THR B 278 -0.36 1.52 13.73
N MET B 279 0.44 2.48 14.20
CA MET B 279 1.30 3.22 13.29
C MET B 279 2.42 2.34 12.73
N PHE B 280 2.91 1.38 13.50
CA PHE B 280 4.02 0.52 13.09
C PHE B 280 3.58 -0.84 12.59
N GLY B 281 2.28 -1.11 12.52
CA GLY B 281 1.82 -2.36 11.97
C GLY B 281 1.76 -3.50 12.96
N PHE B 282 1.80 -3.20 14.24
CA PHE B 282 1.62 -4.22 15.27
C PHE B 282 0.15 -4.40 15.61
N ARG B 283 -0.74 -3.65 14.96
CA ARG B 283 -2.16 -3.68 15.23
C ARG B 283 -2.90 -3.31 13.94
N SER B 284 -4.04 -3.95 13.71
CA SER B 284 -4.82 -3.76 12.49
C SER B 284 -5.76 -2.56 12.62
N SER B 285 -6.58 -2.36 11.58
CA SER B 285 -7.62 -1.35 11.58
C SER B 285 -8.65 -1.72 10.50
N VAL B 286 -9.92 -1.40 10.77
CA VAL B 286 -11.05 -1.98 10.03
C VAL B 286 -11.50 -0.99 8.96
N GLN B 287 -11.61 -1.49 7.73
CA GLN B 287 -12.03 -0.73 6.56
C GLN B 287 -13.44 -1.14 6.14
N HIS B 288 -14.26 -0.14 5.81
CA HIS B 288 -15.69 -0.31 5.54
C HIS B 288 -15.98 -0.06 4.06
N CYS B 289 -16.93 -0.82 3.51
CA CYS B 289 -17.29 -0.78 2.09
C CYS B 289 -18.71 -1.30 1.84
N ASP B 292 -20.10 -4.09 4.03
CA ASP B 292 -18.93 -4.95 4.22
C ASP B 292 -17.82 -4.25 5.00
N MET B 293 -17.05 -5.00 5.77
CA MET B 293 -15.91 -4.44 6.49
C MET B 293 -14.75 -5.43 6.42
N VAL B 294 -13.54 -4.91 6.63
CA VAL B 294 -12.34 -5.76 6.63
C VAL B 294 -11.17 -5.08 7.35
N HIS B 295 -10.56 -5.82 8.28
CA HIS B 295 -9.31 -5.39 8.89
C HIS B 295 -8.24 -5.37 7.79
N PHE B 296 -7.71 -4.19 7.44
CA PHE B 296 -6.49 -4.20 6.64
C PHE B 296 -5.33 -4.63 7.54
N TRP B 297 -4.38 -5.37 6.97
CA TRP B 297 -3.26 -5.89 7.75
C TRP B 297 -3.75 -6.69 8.95
N GLY B 298 -4.78 -7.51 8.74
CA GLY B 298 -5.35 -8.31 9.80
C GLY B 298 -4.84 -9.74 9.75
N ASN B 299 -5.51 -10.60 10.53
CA ASN B 299 -5.13 -12.01 10.67
C ASN B 299 -6.38 -12.87 10.64
N ASP B 300 -6.70 -13.39 9.46
CA ASP B 300 -7.89 -14.20 9.22
C ASP B 300 -9.09 -13.65 9.99
N GLY B 301 -9.47 -12.42 9.66
CA GLY B 301 -10.66 -11.82 10.22
C GLY B 301 -10.49 -11.24 11.61
N LYS B 302 -9.30 -11.31 12.18
CA LYS B 302 -9.05 -10.75 13.50
C LYS B 302 -7.92 -9.74 13.42
N ASP B 303 -7.90 -8.84 14.41
CA ASP B 303 -6.77 -7.95 14.57
C ASP B 303 -5.49 -8.77 14.74
N ILE B 304 -4.42 -8.32 14.07
CA ILE B 304 -3.15 -9.02 14.17
C ILE B 304 -2.62 -8.97 15.59
N ALA B 305 -3.18 -8.10 16.43
CA ALA B 305 -2.64 -7.91 17.78
C ALA B 305 -2.95 -9.09 18.69
N HIS B 306 -4.08 -9.76 18.50
CA HIS B 306 -4.35 -10.98 19.24
C HIS B 306 -3.19 -11.96 19.10
N HIS B 307 -2.84 -12.29 17.85
CA HIS B 307 -1.78 -13.27 17.63
C HIS B 307 -0.45 -12.80 18.18
N LEU B 308 -0.25 -11.49 18.29
CA LEU B 308 1.01 -10.94 18.79
C LEU B 308 1.04 -10.82 20.31
N GLY B 309 -0.02 -11.21 21.01
CA GLY B 309 -0.02 -11.17 22.47
C GLY B 309 -0.19 -9.79 23.05
N LEU B 310 -0.91 -8.90 22.36
CA LEU B 310 -1.02 -7.50 22.75
C LEU B 310 -2.42 -7.07 23.14
N ILE B 311 -3.42 -7.94 22.99
CA ILE B 311 -4.78 -7.61 23.40
C ILE B 311 -4.99 -7.88 24.89
N SER B 312 -4.76 -9.13 25.30
CA SER B 312 -4.88 -9.53 26.71
C SER B 312 -6.29 -9.25 27.25
FE FE C . -14.66 -9.63 -5.49
C1 AKG D . -15.07 -11.20 -3.30
O1 AKG D . -15.37 -11.48 -2.10
O2 AKG D . -14.33 -10.22 -3.57
C2 AKG D . -15.60 -12.04 -4.45
O5 AKG D . -15.68 -11.58 -5.54
C3 AKG D . -16.02 -13.48 -4.19
C4 AKG D . -16.90 -13.92 -5.36
C5 AKG D . -17.07 -15.42 -5.24
O3 AKG D . -16.91 -15.99 -4.13
O4 AKG D . -17.39 -16.08 -6.27
C10 8TC E . -12.77 -8.01 0.01
C13 8TC E . -14.22 -6.00 0.53
C15 8TC E . -11.25 -12.11 -2.48
C17 8TC E . -10.18 -8.15 0.04
C20 8TC E . -15.07 -6.30 -0.73
C21 8TC E . -16.10 -7.46 -0.71
C22 8TC E . -15.86 -8.49 0.41
C24 8TC E . -16.12 -8.17 -2.06
C26 8TC E . -17.54 -9.25 3.95
C01 8TC E . -10.31 -8.39 -3.01
C02 8TC E . -10.40 -9.90 -3.21
C03 8TC E . -10.65 -10.78 -1.97
C04 8TC E . -11.69 -10.05 -1.05
C05 8TC E . -11.48 -8.53 -0.74
C06 8TC E . -11.41 -7.81 -2.11
C07 8TC E . -12.06 -10.84 0.22
C08 8TC E . -13.38 -10.33 0.81
C09 8TC E . -13.35 -8.85 1.22
C11 8TC E . -14.81 -8.29 1.56
C12 8TC E . -14.68 -6.76 1.76
C14 8TC E . -12.79 -6.49 0.27
C16 8TC E . -9.36 -11.23 -1.25
O01 8TC E . -9.22 -10.29 -3.86
C18 8TC E . -12.45 -8.78 2.49
C19 8TC E . -14.64 -6.18 2.99
O02 8TC E . -14.92 -5.62 -1.73
O03 8TC E . -16.51 -9.51 0.37
C23 8TC E . -14.16 -4.46 0.67
O04 8TC E . -17.44 -6.96 -0.66
C25 8TC E . -15.59 -8.97 2.74
O05 8TC E . -15.06 -9.84 3.44
O06 8TC E . -16.86 -8.57 2.91
FE FE F . 11.05 14.53 -0.29
C1 AKG G . 13.42 13.27 0.72
O1 AKG G . 12.34 12.87 0.20
O2 AKG G . 14.38 12.46 0.86
C2 AKG G . 13.52 14.73 1.15
O5 AKG G . 12.83 15.54 0.64
C3 AKG G . 14.51 15.17 2.21
C4 AKG G . 14.66 16.69 2.12
C5 AKG G . 15.91 17.17 2.86
O3 AKG G . 15.98 18.39 3.18
O4 AKG G . 16.84 16.34 3.13
C10 8TC H . 12.13 8.59 -0.62
C13 8TC H . 12.56 8.02 -3.11
C15 8TC H . 11.49 11.53 3.39
C17 8TC H . 10.59 7.40 1.09
C20 8TC H . 12.51 9.50 -3.49
C21 8TC H . 13.66 10.47 -3.06
C22 8TC H . 14.61 9.90 -1.98
C24 8TC H . 13.05 11.77 -2.53
C26 8TC H . 17.88 7.34 -2.75
C01 8TC H . 8.84 10.00 1.08
C02 8TC H . 9.52 10.86 2.14
C03 8TC H . 10.81 10.31 2.72
C04 8TC H . 11.70 9.74 1.57
C05 8TC H . 11.07 8.77 0.53
C06 8TC H . 9.81 9.50 -0.01
C07 8TC H . 13.04 9.20 2.05
C08 8TC H . 14.06 9.09 0.90
C09 8TC H . 13.62 8.20 -0.27
C11 8TC H . 14.56 8.41 -1.54
C12 8TC H . 13.96 7.60 -2.69
C14 8TC H . 11.63 7.84 -1.89
C16 8TC H . 10.56 9.31 3.87
O01 8TC H . 8.61 11.07 3.19
C18 8TC H . 13.75 6.72 0.21
C19 8TC H . 14.50 6.46 -3.19
O02 8TC H . 11.54 9.89 -4.13
O03 8TC H . 15.42 10.63 -1.48
C23 8TC H . 12.05 7.22 -4.32
O04 8TC H . 14.40 10.90 -4.21
C25 8TC H . 16.08 8.09 -1.42
O05 8TC H . 16.55 7.71 -0.37
O06 8TC H . 16.82 8.25 -2.54
#